data_1UX7
#
_entry.id   1UX7
#
_cell.length_a   38.581
_cell.length_b   52.132
_cell.length_c   54.766
_cell.angle_alpha   90.00
_cell.angle_beta   90.00
_cell.angle_gamma   90.00
#
_symmetry.space_group_name_H-M   'P 21 21 21'
#
loop_
_entity.id
_entity.type
_entity.pdbx_description
1 polymer 'ENDO-1,4-BETA-XYLANASE D'
2 branched beta-D-xylopyranose-(1-4)-beta-D-xylopyranose-(1-1)-beta-D-xylopyranose
3 non-polymer 'CALCIUM ION'
4 non-polymer 'SULFATE ION'
5 water water
#
_entity_poly.entity_id   1
_entity_poly.type   'polypeptide(L)'
_entity_poly.pdbx_seq_one_letter_code
;ITKVEAENMKIGGTYAGKISAPFDGVALYANADYVSYSQYFANSTHNISVRGASSNAGTAKVDLVIGGVTVGSFNFTGKT
PTVQTLSNITHATGDQEIKLALTSDDGTWDAYVDFIEFSL
;
_entity_poly.pdbx_strand_id   A
#
# COMPACT_ATOMS: atom_id res chain seq x y z
N ILE A 1 -9.37 9.74 11.95
CA ILE A 1 -8.53 8.74 11.22
C ILE A 1 -9.36 7.60 10.66
N THR A 2 -9.06 7.20 9.43
CA THR A 2 -9.64 6.03 8.79
C THR A 2 -8.50 5.04 8.56
N LYS A 3 -8.56 3.87 9.20
CA LYS A 3 -7.52 2.82 9.10
C LYS A 3 -8.08 1.53 8.54
N VAL A 4 -7.45 1.02 7.48
CA VAL A 4 -7.86 -0.23 6.85
C VAL A 4 -6.70 -1.18 6.73
N GLU A 5 -6.87 -2.37 7.29
CA GLU A 5 -5.83 -3.40 7.23
C GLU A 5 -5.71 -4.03 5.85
N ALA A 6 -4.49 -4.19 5.34
CA ALA A 6 -4.27 -4.76 4.04
C ALA A 6 -4.91 -6.14 3.87
N GLU A 7 -4.80 -6.93 4.93
CA GLU A 7 -5.31 -8.29 4.96
C GLU A 7 -6.83 -8.39 4.84
N ASN A 8 -7.54 -7.27 4.99
CA ASN A 8 -8.99 -7.21 4.84
C ASN A 8 -9.44 -6.72 3.47
N MET A 9 -8.48 -6.34 2.65
CA MET A 9 -8.74 -5.84 1.33
C MET A 9 -8.83 -6.95 0.28
N LYS A 10 -9.20 -6.57 -0.94
CA LYS A 10 -9.08 -7.47 -2.08
C LYS A 10 -7.61 -7.65 -2.41
N ILE A 11 -7.17 -8.90 -2.54
CA ILE A 11 -5.79 -9.24 -2.84
C ILE A 11 -5.77 -9.80 -4.25
N GLY A 12 -4.92 -9.26 -5.10
CA GLY A 12 -4.85 -9.65 -6.49
C GLY A 12 -3.45 -9.73 -7.05
N GLY A 13 -3.34 -10.29 -8.25
CA GLY A 13 -2.07 -10.46 -8.92
C GLY A 13 -1.64 -11.91 -8.89
N THR A 14 -0.63 -12.22 -9.67
CA THR A 14 -0.10 -13.58 -9.73
C THR A 14 0.28 -14.20 -8.38
N TYR A 15 0.96 -13.43 -7.52
CA TYR A 15 1.58 -14.00 -6.33
C TYR A 15 1.11 -13.44 -5.00
N ALA A 16 0.41 -12.32 -5.00
CA ALA A 16 0.06 -11.66 -3.74
C ALA A 16 -0.67 -12.60 -2.79
N GLY A 17 -0.33 -12.53 -1.51
CA GLY A 17 -0.98 -13.30 -0.50
C GLY A 17 -0.74 -12.81 0.89
N LYS A 18 -1.55 -13.29 1.83
CA LYS A 18 -1.44 -12.88 3.21
C LYS A 18 -0.14 -13.36 3.85
N ILE A 19 0.28 -12.62 4.88
CA ILE A 19 1.39 -13.00 5.74
C ILE A 19 1.04 -12.73 7.21
N SER A 20 1.78 -13.37 8.13
CA SER A 20 1.59 -13.18 9.57
C SER A 20 2.81 -12.55 10.25
N ALA A 21 3.90 -12.44 9.49
CA ALA A 21 5.14 -11.84 9.96
C ALA A 21 5.72 -11.05 8.77
N PRO A 22 6.28 -9.86 8.98
CA PRO A 22 6.51 -9.23 10.29
C PRO A 22 5.31 -8.53 10.92
N PHE A 23 4.15 -8.72 10.33
CA PHE A 23 2.87 -8.27 10.85
C PHE A 23 1.80 -9.08 10.11
N ASP A 24 0.57 -9.05 10.61
CA ASP A 24 -0.58 -9.48 9.86
C ASP A 24 -0.75 -8.49 8.69
N GLY A 25 -0.65 -8.99 7.47
CA GLY A 25 -0.71 -8.13 6.30
C GLY A 25 -0.69 -8.92 5.01
N VAL A 26 -0.18 -8.29 3.96
CA VAL A 26 -0.12 -8.89 2.65
C VAL A 26 1.25 -8.63 2.01
N ALA A 27 1.79 -9.68 1.39
CA ALA A 27 3.01 -9.58 0.61
C ALA A 27 2.70 -9.39 -0.85
N LEU A 28 3.39 -8.43 -1.46
CA LEU A 28 3.36 -8.18 -2.89
C LEU A 28 4.74 -8.57 -3.41
N TYR A 29 4.77 -9.45 -4.41
CA TYR A 29 6.00 -10.07 -4.87
C TYR A 29 6.43 -9.59 -6.27
N ALA A 30 5.46 -9.53 -7.18
CA ALA A 30 5.71 -9.17 -8.57
C ALA A 30 4.89 -7.99 -9.00
N ASN A 31 5.28 -7.34 -10.10
CA ASN A 31 4.49 -6.26 -10.66
C ASN A 31 3.07 -6.72 -10.94
N ALA A 32 2.13 -5.80 -10.63
CA ALA A 32 0.69 -5.99 -10.76
C ALA A 32 0.11 -6.77 -9.60
N ASP A 33 0.92 -7.16 -8.62
CA ASP A 33 0.40 -7.66 -7.33
C ASP A 33 -0.14 -6.41 -6.63
N TYR A 34 -1.27 -6.54 -5.96
CA TYR A 34 -1.93 -5.40 -5.31
C TYR A 34 -2.87 -5.79 -4.19
N VAL A 35 -3.25 -4.79 -3.40
CA VAL A 35 -4.40 -4.86 -2.52
C VAL A 35 -5.26 -3.67 -2.84
N SER A 36 -6.58 -3.83 -2.76
CA SER A 36 -7.50 -2.71 -3.03
C SER A 36 -8.81 -2.85 -2.29
N TYR A 37 -9.45 -1.72 -2.09
CA TYR A 37 -10.80 -1.65 -1.53
C TYR A 37 -11.42 -0.31 -1.92
N SER A 38 -12.73 -0.20 -1.88
CA SER A 38 -13.43 1.03 -2.18
C SER A 38 -13.63 1.88 -0.95
N GLN A 39 -13.30 3.17 -1.03
CA GLN A 39 -13.39 4.15 0.07
C GLN A 39 -14.27 5.32 -0.34
N TYR A 40 -15.22 5.69 0.51
CA TYR A 40 -15.98 6.90 0.30
C TYR A 40 -15.21 8.08 0.89
N PHE A 41 -14.97 9.11 0.08
CA PHE A 41 -14.38 10.35 0.57
C PHE A 41 -15.35 11.54 0.55
N ALA A 42 -15.52 12.18 1.70
CA ALA A 42 -16.21 13.45 1.78
C ALA A 42 -15.24 14.57 1.51
N ASN A 43 -13.96 14.32 1.71
CA ASN A 43 -12.93 15.35 1.65
C ASN A 43 -11.89 14.99 0.60
N SER A 44 -11.26 16.00 0.00
CA SER A 44 -10.33 15.84 -1.12
C SER A 44 -8.87 15.59 -0.73
N THR A 45 -8.46 15.97 0.49
CA THR A 45 -7.06 16.05 0.83
C THR A 45 -6.75 15.40 2.16
N HIS A 46 -5.80 14.46 2.15
CA HIS A 46 -5.48 13.67 3.34
C HIS A 46 -3.98 13.49 3.48
N ASN A 47 -3.55 13.32 4.72
CA ASN A 47 -2.25 12.75 4.99
C ASN A 47 -2.44 11.24 4.97
N ILE A 48 -1.59 10.52 4.24
CA ILE A 48 -1.81 9.09 4.07
C ILE A 48 -0.58 8.36 4.52
N SER A 49 -0.78 7.43 5.45
CA SER A 49 0.31 6.62 5.99
C SER A 49 0.10 5.14 5.66
N VAL A 50 1.20 4.45 5.36
CA VAL A 50 1.18 2.99 5.22
C VAL A 50 2.29 2.42 6.06
N ARG A 51 1.96 1.44 6.91
CA ARG A 51 2.99 0.67 7.60
C ARG A 51 3.35 -0.51 6.70
N GLY A 52 4.65 -0.73 6.55
CA GLY A 52 5.15 -1.79 5.69
C GLY A 52 6.59 -2.13 5.96
N ALA A 53 7.11 -3.03 5.15
CA ALA A 53 8.49 -3.46 5.26
C ALA A 53 8.98 -4.01 3.95
N SER A 54 10.29 -4.08 3.80
CA SER A 54 10.87 -4.86 2.72
C SER A 54 11.11 -6.32 3.17
N SER A 55 11.22 -7.22 2.20
CA SER A 55 11.62 -8.59 2.49
C SER A 55 13.11 -8.70 2.80
N ASN A 56 13.86 -7.67 2.46
CA ASN A 56 15.30 -7.72 2.71
C ASN A 56 15.87 -6.32 2.90
N ALA A 57 17.18 -6.19 2.80
CA ALA A 57 17.82 -4.93 3.06
C ALA A 57 17.54 -3.87 2.01
N GLY A 58 17.00 -4.27 0.85
CA GLY A 58 16.59 -3.41 -0.23
C GLY A 58 15.34 -2.59 0.06
N THR A 59 15.06 -1.69 -0.85
CA THR A 59 13.99 -0.71 -0.74
C THR A 59 12.78 -1.15 -1.58
N ALA A 60 11.74 -1.59 -0.90
CA ALA A 60 10.50 -1.99 -1.54
C ALA A 60 9.66 -0.74 -1.81
N LYS A 61 9.13 -0.62 -3.01
CA LYS A 61 8.37 0.57 -3.39
C LYS A 61 6.95 0.16 -3.75
N VAL A 62 5.97 0.84 -3.17
CA VAL A 62 4.56 0.54 -3.35
C VAL A 62 3.85 1.81 -3.86
N ASP A 63 3.18 1.73 -5.01
CA ASP A 63 2.38 2.82 -5.54
C ASP A 63 1.04 2.92 -4.87
N LEU A 64 0.60 4.16 -4.61
CA LEU A 64 -0.74 4.45 -4.13
C LEU A 64 -1.57 4.99 -5.29
N VAL A 65 -2.67 4.30 -5.58
CA VAL A 65 -3.54 4.61 -6.71
C VAL A 65 -4.92 4.87 -6.13
N ILE A 66 -5.50 6.03 -6.45
CA ILE A 66 -6.82 6.43 -5.98
C ILE A 66 -7.68 6.74 -7.20
N GLY A 67 -8.76 6.00 -7.37
CA GLY A 67 -9.57 6.17 -8.57
C GLY A 67 -8.83 5.88 -9.86
N GLY A 68 -7.82 5.02 -9.81
CA GLY A 68 -7.04 4.63 -10.96
C GLY A 68 -5.87 5.51 -11.26
N VAL A 69 -5.74 6.61 -10.53
CA VAL A 69 -4.68 7.59 -10.76
C VAL A 69 -3.64 7.45 -9.67
N THR A 70 -2.39 7.28 -10.06
CA THR A 70 -1.29 7.17 -9.11
C THR A 70 -0.97 8.53 -8.50
N VAL A 71 -1.07 8.62 -7.18
CA VAL A 71 -0.90 9.89 -6.46
C VAL A 71 0.38 9.98 -5.66
N GLY A 72 1.11 8.87 -5.57
CA GLY A 72 2.36 8.85 -4.85
C GLY A 72 2.83 7.43 -4.62
N SER A 73 3.92 7.29 -3.87
CA SER A 73 4.48 5.99 -3.55
C SER A 73 5.09 6.01 -2.17
N PHE A 74 5.24 4.82 -1.63
CA PHE A 74 5.78 4.59 -0.31
C PHE A 74 6.99 3.68 -0.46
N ASN A 75 8.09 4.02 0.20
CA ASN A 75 9.30 3.25 0.16
C ASN A 75 9.63 2.65 1.52
N PHE A 76 9.84 1.34 1.57
CA PHE A 76 10.18 0.65 2.80
C PHE A 76 11.52 -0.03 2.64
N THR A 77 12.52 0.40 3.40
CA THR A 77 13.86 -0.14 3.31
C THR A 77 14.14 -0.98 4.53
N GLY A 78 14.65 -2.19 4.30
CA GLY A 78 14.97 -3.09 5.38
C GLY A 78 13.78 -3.85 5.93
N LYS A 79 14.08 -4.84 6.72
CA LYS A 79 13.08 -5.78 7.19
C LYS A 79 12.24 -5.26 8.35
N THR A 80 12.77 -4.31 9.12
CA THR A 80 12.04 -3.75 10.25
C THR A 80 10.86 -2.89 9.74
N PRO A 81 9.63 -3.16 10.16
CA PRO A 81 8.52 -2.33 9.70
C PRO A 81 8.70 -0.86 10.05
N THR A 82 8.30 -0.01 9.10
CA THR A 82 8.25 1.42 9.30
C THR A 82 6.93 1.95 8.81
N VAL A 83 6.56 3.11 9.31
CA VAL A 83 5.43 3.88 8.82
C VAL A 83 5.93 4.98 7.90
N GLN A 84 5.41 4.98 6.68
CA GLN A 84 5.76 5.95 5.67
C GLN A 84 4.55 6.81 5.40
N THR A 85 4.76 8.11 5.21
CA THR A 85 3.66 9.06 5.14
C THR A 85 3.80 9.99 3.95
N LEU A 86 2.69 10.16 3.21
CA LEU A 86 2.53 11.20 2.18
C LEU A 86 1.65 12.28 2.78
N SER A 87 2.12 13.52 2.72
CA SER A 87 1.44 14.62 3.38
C SER A 87 0.55 15.33 2.35
N ASN A 88 -0.68 15.63 2.73
CA ASN A 88 -1.50 16.56 1.96
C ASN A 88 -1.72 16.15 0.52
N ILE A 89 -2.08 14.89 0.34
CA ILE A 89 -2.39 14.39 -0.98
C ILE A 89 -3.83 14.74 -1.35
N THR A 90 -3.99 15.38 -2.50
CA THR A 90 -5.30 15.67 -3.05
C THR A 90 -5.69 14.61 -4.09
N HIS A 91 -6.96 14.23 -4.03
CA HIS A 91 -7.46 13.13 -4.81
C HIS A 91 -8.96 13.36 -5.04
N ALA A 92 -9.56 12.44 -5.78
CA ALA A 92 -10.98 12.53 -6.07
C ALA A 92 -11.83 12.31 -4.80
N THR A 93 -13.00 12.93 -4.77
CA THR A 93 -14.00 12.68 -3.74
C THR A 93 -15.09 11.70 -4.22
N GLY A 94 -15.98 11.30 -3.31
CA GLY A 94 -16.93 10.26 -3.58
C GLY A 94 -16.35 8.86 -3.40
N ASP A 95 -17.00 7.84 -3.98
CA ASP A 95 -16.51 6.47 -3.87
C ASP A 95 -15.33 6.30 -4.82
N GLN A 96 -14.19 5.92 -4.27
CA GLN A 96 -12.97 5.73 -5.05
C GLN A 96 -12.25 4.45 -4.67
N GLU A 97 -11.75 3.74 -5.67
CA GLU A 97 -10.90 2.60 -5.38
C GLU A 97 -9.56 3.09 -4.85
N ILE A 98 -9.14 2.49 -3.73
CA ILE A 98 -7.81 2.67 -3.15
C ILE A 98 -7.03 1.41 -3.46
N LYS A 99 -5.87 1.56 -4.08
CA LYS A 99 -5.03 0.43 -4.44
C LYS A 99 -3.59 0.71 -4.04
N LEU A 100 -2.94 -0.27 -3.41
CA LEU A 100 -1.50 -0.31 -3.20
C LEU A 100 -0.97 -1.41 -4.12
N ALA A 101 -0.07 -1.04 -5.02
CA ALA A 101 0.33 -1.89 -6.13
C ALA A 101 1.82 -1.85 -6.39
N LEU A 102 2.38 -2.97 -6.84
CA LEU A 102 3.77 -2.97 -7.32
C LEU A 102 3.84 -2.71 -8.78
N THR A 103 4.71 -1.78 -9.13
CA THR A 103 5.03 -1.48 -10.54
C THR A 103 6.51 -1.44 -10.81
N SER A 104 7.35 -1.54 -9.78
CA SER A 104 8.78 -1.39 -9.96
C SER A 104 9.61 -2.56 -9.44
N ASP A 105 8.96 -3.69 -9.19
CA ASP A 105 9.66 -4.91 -8.85
C ASP A 105 10.62 -5.26 -9.99
N ASP A 106 11.79 -5.75 -9.60
CA ASP A 106 12.84 -6.19 -10.54
C ASP A 106 13.55 -7.45 -10.07
N GLY A 107 12.88 -8.25 -9.25
CA GLY A 107 13.43 -9.49 -8.75
C GLY A 107 14.45 -9.29 -7.63
N THR A 108 14.48 -8.11 -7.01
CA THR A 108 15.45 -7.90 -5.92
C THR A 108 14.86 -7.74 -4.52
N TRP A 109 13.53 -7.64 -4.44
CA TRP A 109 12.82 -7.49 -3.14
C TRP A 109 11.35 -7.82 -3.32
N ASP A 110 10.69 -8.00 -2.19
CA ASP A 110 9.23 -8.06 -2.10
C ASP A 110 8.78 -6.99 -1.09
N ALA A 111 7.52 -6.59 -1.19
CA ALA A 111 6.96 -5.57 -0.33
C ALA A 111 5.94 -6.19 0.61
N TYR A 112 6.01 -5.86 1.88
CA TYR A 112 5.05 -6.31 2.88
C TYR A 112 4.26 -5.09 3.32
N VAL A 113 2.94 -5.22 3.30
CA VAL A 113 2.04 -4.11 3.62
C VAL A 113 1.12 -4.50 4.78
N ASP A 114 1.05 -3.64 5.80
CA ASP A 114 0.33 -3.92 7.05
C ASP A 114 -1.06 -3.26 7.05
N PHE A 115 -1.11 -1.95 6.80
CA PHE A 115 -2.35 -1.18 6.79
C PHE A 115 -2.10 0.16 6.11
N ILE A 116 -3.20 0.82 5.77
CA ILE A 116 -3.24 2.20 5.33
C ILE A 116 -4.08 3.05 6.29
N GLU A 117 -3.66 4.29 6.50
CA GLU A 117 -4.37 5.20 7.39
C GLU A 117 -4.52 6.54 6.67
N PHE A 118 -5.75 7.07 6.64
CA PHE A 118 -6.03 8.42 6.12
C PHE A 118 -6.36 9.32 7.29
N SER A 119 -5.80 10.52 7.29
CA SER A 119 -6.20 11.50 8.30
C SER A 119 -6.40 12.86 7.63
N LEU A 120 -7.31 13.58 8.08
#